data_3KCX
#
_entry.id   3KCX
#
_cell.length_a   86.746
_cell.length_b   86.746
_cell.length_c   146.525
_cell.angle_alpha   90.000
_cell.angle_beta   90.000
_cell.angle_gamma   90.000
#
_symmetry.space_group_name_H-M   'P 41 21 2'
#
loop_
_entity.id
_entity.type
_entity.pdbx_description
1 polymer 'Hypoxia-inducible factor 1-alpha inhibitor'
2 non-polymer 'FE (II) ION'
3 non-polymer 'SULFATE ION'
4 non-polymer GLYCEROL
5 non-polymer 5-chloro-7-iodoquinolin-8-ol
6 water water
#
_entity_poly.entity_id   1
_entity_poly.type   'polypeptide(L)'
_entity_poly.pdbx_seq_one_letter_code
;EPREEAGALGPAWDESQLRSYSFPTRPIPRLSQSDPRAEELIENEEPVVLTDTNLVYPALKWDLEYLQENIGNGDFSVYS
ASTHKFLYYDEKKMANFQNFKPRSNREEMKFHEFVEKLQDIQQRGGEERLYLQQTLNDTVGRKIVMDFLGFNWNWINKQQ
GKRGWGQLTSNLLLIGMEGNVTPAHYDEQQNFFAQIKGYKRCILFPPDQFECLYPYPVHHPCDRQSQVDFDNPDYERFPN
FQNVVGYETVVGPGDVLYIPMYWWHHIESLLNGGITITVNFWYKGAPTPKRIEYPLKAHQKVAIMRNIEKMLGEALGNPQ
EVGPLLNTMIKGRYN
;
_entity_poly.pdbx_strand_id   A
#
# COMPACT_ATOMS: atom_id res chain seq x y z
N GLU A 1 3.56 18.86 -13.02
CA GLU A 1 4.49 19.80 -12.32
C GLU A 1 4.30 19.73 -10.77
N PRO A 2 5.42 19.77 -10.00
CA PRO A 2 5.28 19.73 -8.52
C PRO A 2 4.48 20.90 -7.98
N ARG A 3 3.54 20.62 -7.07
CA ARG A 3 2.65 21.66 -6.53
C ARG A 3 3.38 22.68 -5.65
N GLU A 4 2.99 23.95 -5.80
CA GLU A 4 3.47 25.04 -4.96
C GLU A 4 2.68 25.13 -3.64
N GLU A 5 3.38 25.09 -2.51
CA GLU A 5 2.76 25.22 -1.19
C GLU A 5 2.35 26.67 -0.92
N ALA A 6 1.24 26.86 -0.20
CA ALA A 6 0.72 28.19 0.13
C ALA A 6 1.71 29.13 0.84
N GLY A 7 1.52 30.43 0.62
CA GLY A 7 2.36 31.46 1.23
C GLY A 7 3.78 31.44 0.70
N ALA A 8 3.95 30.88 -0.50
CA ALA A 8 5.24 30.75 -1.21
C ALA A 8 6.39 30.03 -0.47
N LEU A 9 6.09 28.91 0.18
CA LEU A 9 7.11 28.21 1.01
C LEU A 9 8.05 27.37 0.17
N GLY A 10 7.87 27.47 -1.15
CA GLY A 10 8.70 26.76 -2.10
C GLY A 10 8.00 25.52 -2.64
N PRO A 11 8.62 24.87 -3.65
CA PRO A 11 8.07 23.64 -4.18
C PRO A 11 8.07 22.60 -3.07
N ALA A 12 6.94 21.92 -2.94
CA ALA A 12 6.76 20.88 -1.92
C ALA A 12 7.82 19.80 -2.04
N TRP A 13 8.14 19.45 -3.28
CA TRP A 13 9.11 18.42 -3.64
C TRP A 13 9.58 18.68 -5.07
N ASP A 14 10.70 18.07 -5.47
CA ASP A 14 11.16 18.18 -6.87
C ASP A 14 11.50 16.83 -7.47
N GLU A 15 11.54 16.77 -8.81
CA GLU A 15 11.80 15.53 -9.54
C GLU A 15 12.93 14.69 -8.97
N SER A 16 14.05 15.32 -8.60
CA SER A 16 15.21 14.58 -8.11
C SER A 16 14.96 13.71 -6.87
N GLN A 17 13.77 13.80 -6.31
CA GLN A 17 13.43 13.08 -5.09
C GLN A 17 12.70 11.78 -5.45
N LEU A 18 12.37 11.68 -6.73
CA LEU A 18 11.66 10.52 -7.27
C LEU A 18 12.62 9.53 -7.94
N ARG A 19 12.42 8.24 -7.67
CA ARG A 19 13.19 7.21 -8.36
C ARG A 19 12.81 7.11 -9.83
N SER A 20 13.72 6.59 -10.63
CA SER A 20 13.57 6.53 -12.08
C SER A 20 13.18 5.11 -12.44
N TYR A 21 12.22 5.00 -13.36
CA TYR A 21 11.67 3.70 -13.72
C TYR A 21 11.46 3.50 -15.21
N SER A 22 11.50 2.23 -15.59
CA SER A 22 11.45 1.79 -16.98
C SER A 22 10.11 1.99 -17.69
N PHE A 23 9.06 2.34 -16.95
CA PHE A 23 7.73 2.34 -17.54
C PHE A 23 7.12 3.75 -17.57
N PRO A 24 6.21 4.01 -18.52
CA PRO A 24 5.54 5.29 -18.50
C PRO A 24 4.43 5.27 -17.46
N THR A 25 3.89 6.44 -17.10
CA THR A 25 2.71 6.53 -16.25
C THR A 25 1.92 7.76 -16.61
N ARG A 26 0.63 7.74 -16.29
CA ARG A 26 -0.25 8.88 -16.41
C ARG A 26 -0.66 9.42 -15.04
N PRO A 27 -1.21 10.64 -14.98
CA PRO A 27 -1.57 11.23 -13.68
C PRO A 27 -2.95 10.82 -13.20
N ILE A 28 -3.05 10.47 -11.92
CA ILE A 28 -4.35 10.32 -11.26
C ILE A 28 -4.97 11.72 -11.01
N PRO A 29 -6.25 11.89 -11.33
CA PRO A 29 -6.91 13.18 -11.08
C PRO A 29 -6.91 13.59 -9.58
N ARG A 30 -6.51 14.85 -9.32
CA ARG A 30 -6.66 15.53 -8.03
C ARG A 30 -7.99 16.29 -8.01
N LEU A 31 -8.90 15.94 -7.12
CA LEU A 31 -10.19 16.57 -7.17
C LEU A 31 -10.75 16.99 -5.82
N SER A 32 -11.84 17.72 -5.86
CA SER A 32 -12.56 18.06 -4.65
C SER A 32 -13.65 17.04 -4.41
N GLN A 33 -13.84 16.78 -3.11
CA GLN A 33 -14.82 15.88 -2.54
C GLN A 33 -16.20 16.22 -3.08
N SER A 34 -16.44 17.50 -3.40
CA SER A 34 -17.76 17.95 -3.84
C SER A 34 -17.95 17.74 -5.34
N ASP A 35 -16.83 17.65 -6.06
CA ASP A 35 -16.83 17.35 -7.48
C ASP A 35 -17.65 16.09 -7.82
N PRO A 36 -18.54 16.17 -8.82
CA PRO A 36 -19.25 14.95 -9.16
C PRO A 36 -18.33 13.92 -9.79
N ARG A 37 -17.22 14.36 -10.38
CA ARG A 37 -16.32 13.44 -11.04
C ARG A 37 -15.56 12.52 -10.08
N ALA A 38 -15.30 13.00 -8.88
CA ALA A 38 -14.61 12.21 -7.88
C ALA A 38 -15.52 11.04 -7.50
N GLU A 39 -16.80 11.34 -7.32
CA GLU A 39 -17.81 10.37 -6.91
C GLU A 39 -17.95 9.33 -8.01
N GLU A 40 -17.79 9.80 -9.24
CA GLU A 40 -17.92 8.98 -10.44
C GLU A 40 -16.71 8.03 -10.59
N LEU A 41 -15.53 8.50 -10.20
CA LEU A 41 -14.35 7.67 -10.23
C LEU A 41 -14.42 6.57 -9.18
N ILE A 42 -14.92 6.91 -7.99
CA ILE A 42 -14.96 5.98 -6.87
C ILE A 42 -15.91 4.82 -7.12
N GLU A 43 -17.13 5.15 -7.59
CA GLU A 43 -18.16 4.16 -7.84
C GLU A 43 -17.70 3.29 -9.01
N ASN A 44 -16.98 3.91 -9.95
CA ASN A 44 -16.37 3.21 -11.07
C ASN A 44 -15.08 2.47 -10.70
N GLU A 45 -14.76 2.45 -9.41
CA GLU A 45 -13.52 1.86 -8.92
C GLU A 45 -12.29 2.26 -9.68
N GLU A 46 -12.09 3.57 -9.79
CA GLU A 46 -10.88 4.12 -10.34
C GLU A 46 -10.27 5.06 -9.33
N PRO A 47 -8.94 5.18 -9.33
CA PRO A 47 -8.24 6.00 -8.35
C PRO A 47 -8.54 7.47 -8.49
N VAL A 48 -8.29 8.23 -7.43
CA VAL A 48 -8.61 9.64 -7.37
C VAL A 48 -8.01 10.12 -6.10
N VAL A 49 -7.26 11.20 -6.19
CA VAL A 49 -6.80 11.93 -5.03
C VAL A 49 -7.87 12.99 -4.66
N LEU A 50 -8.40 12.92 -3.44
CA LEU A 50 -9.40 13.90 -2.93
C LEU A 50 -8.66 14.89 -2.10
N THR A 51 -8.62 16.14 -2.55
CA THR A 51 -7.75 17.13 -1.89
C THR A 51 -8.35 17.80 -0.65
N ASP A 52 -9.65 17.68 -0.44
CA ASP A 52 -10.31 18.43 0.63
C ASP A 52 -11.31 17.63 1.47
N THR A 53 -10.98 16.39 1.84
CA THR A 53 -11.89 15.65 2.71
C THR A 53 -11.86 16.12 4.16
N ASN A 54 -10.69 16.51 4.67
CA ASN A 54 -10.53 16.80 6.12
C ASN A 54 -10.65 15.53 6.92
N LEU A 55 -10.63 14.40 6.20
CA LEU A 55 -10.65 13.09 6.81
C LEU A 55 -9.81 12.96 8.08
N VAL A 56 -8.57 13.43 8.06
CA VAL A 56 -7.67 13.26 9.19
C VAL A 56 -7.09 14.62 9.60
N TYR A 57 -7.91 15.66 9.46
CA TYR A 57 -7.53 17.01 9.92
C TYR A 57 -6.82 17.05 11.31
N PRO A 58 -7.40 16.42 12.35
CA PRO A 58 -6.71 16.53 13.63
C PRO A 58 -5.30 15.92 13.67
N ALA A 59 -5.01 15.02 12.75
CA ALA A 59 -3.73 14.32 12.81
C ALA A 59 -2.64 15.09 12.10
N LEU A 60 -3.01 16.15 11.40
CA LEU A 60 -2.02 16.91 10.64
C LEU A 60 -0.97 17.56 11.51
N LYS A 61 -1.31 17.84 12.77
CA LYS A 61 -0.35 18.43 13.71
C LYS A 61 0.75 17.44 14.14
N TRP A 62 0.45 16.15 14.04
CA TRP A 62 1.34 15.06 14.46
C TRP A 62 2.76 15.11 13.89
N ASP A 63 3.75 15.13 14.79
CA ASP A 63 5.13 14.79 14.41
C ASP A 63 5.53 13.65 15.35
N LEU A 64 6.82 13.30 15.39
CA LEU A 64 7.29 12.26 16.31
C LEU A 64 7.11 12.71 17.76
N GLU A 65 7.66 13.88 18.08
CA GLU A 65 7.54 14.44 19.43
C GLU A 65 6.11 14.28 20.00
N TYR A 66 5.12 14.82 19.29
CA TYR A 66 3.73 14.79 19.74
C TYR A 66 3.26 13.39 19.99
N LEU A 67 3.61 12.47 19.10
CA LEU A 67 3.12 11.09 19.22
C LEU A 67 3.75 10.38 20.41
N GLN A 68 5.07 10.51 20.53
CA GLN A 68 5.84 10.10 21.71
C GLN A 68 5.16 10.54 23.02
N GLU A 69 4.84 11.83 23.11
CA GLU A 69 4.21 12.39 24.31
C GLU A 69 2.80 11.84 24.56
N ASN A 70 2.18 11.26 23.54
CA ASN A 70 0.74 11.00 23.64
C ASN A 70 0.22 9.61 23.30
N ILE A 71 0.97 8.82 22.55
CA ILE A 71 0.43 7.53 22.15
C ILE A 71 0.42 6.52 23.33
N GLY A 72 1.26 6.76 24.32
CA GLY A 72 1.31 5.93 25.52
C GLY A 72 2.23 4.73 25.41
N ASN A 73 2.39 4.03 26.53
CA ASN A 73 3.31 2.89 26.62
C ASN A 73 2.66 1.56 26.25
N GLY A 74 2.36 1.39 24.96
CA GLY A 74 1.85 0.12 24.42
C GLY A 74 2.83 -0.51 23.44
N ASP A 75 2.43 -1.61 22.80
CA ASP A 75 3.34 -2.35 21.91
C ASP A 75 3.10 -2.07 20.41
N PHE A 76 4.15 -1.66 19.70
CA PHE A 76 4.07 -1.24 18.29
C PHE A 76 4.92 -2.09 17.31
N SER A 77 4.27 -2.74 16.36
CA SER A 77 5.00 -3.57 15.37
C SER A 77 5.93 -2.73 14.48
N VAL A 78 7.22 -3.09 14.45
CA VAL A 78 8.23 -2.33 13.69
C VAL A 78 9.04 -3.21 12.74
N TYR A 79 8.96 -2.92 11.45
CA TYR A 79 9.66 -3.69 10.44
C TYR A 79 11.01 -3.05 10.09
N SER A 80 11.98 -3.88 9.73
CA SER A 80 13.36 -3.44 9.65
C SER A 80 14.07 -4.15 8.53
N ALA A 81 14.69 -3.37 7.63
CA ALA A 81 15.34 -3.94 6.44
C ALA A 81 16.64 -3.22 6.11
N SER A 82 17.62 -3.99 5.62
CA SER A 82 18.90 -3.44 5.20
C SER A 82 18.85 -3.10 3.70
N THR A 83 18.00 -2.14 3.36
CA THR A 83 17.72 -1.77 1.96
C THR A 83 16.49 -0.84 1.92
N HIS A 84 16.23 -0.21 0.77
CA HIS A 84 15.05 0.66 0.62
C HIS A 84 13.73 -0.08 0.37
N LYS A 85 13.82 -1.35 -0.03
CA LYS A 85 12.64 -2.14 -0.38
C LYS A 85 12.10 -2.97 0.78
N PHE A 86 10.88 -2.65 1.19
CA PHE A 86 10.21 -3.35 2.27
C PHE A 86 9.23 -4.42 1.79
N LEU A 87 9.78 -5.56 1.38
CA LEU A 87 8.97 -6.72 0.99
C LEU A 87 8.22 -7.33 2.18
N TYR A 88 6.93 -7.04 2.29
CA TYR A 88 6.06 -7.68 3.28
C TYR A 88 5.88 -9.16 2.95
N TYR A 89 6.16 -10.01 3.92
CA TYR A 89 5.84 -11.43 3.79
C TYR A 89 4.70 -11.80 4.74
N ASP A 90 4.12 -12.97 4.52
CA ASP A 90 3.03 -13.47 5.34
C ASP A 90 3.55 -14.66 6.15
N GLU A 91 3.34 -14.61 7.45
CA GLU A 91 3.99 -15.53 8.38
C GLU A 91 3.40 -16.94 8.35
N LYS A 92 2.07 -17.01 8.32
CA LYS A 92 1.35 -18.27 8.16
C LYS A 92 1.97 -19.11 7.04
N LYS A 93 2.20 -18.47 5.89
CA LYS A 93 2.62 -19.15 4.67
C LYS A 93 4.09 -19.55 4.61
N MET A 94 4.89 -19.10 5.57
CA MET A 94 6.31 -19.47 5.63
C MET A 94 6.53 -20.99 5.60
N ALA A 95 5.60 -21.73 6.20
CA ALA A 95 5.62 -23.19 6.20
C ALA A 95 5.61 -23.75 4.78
N ASN A 96 4.83 -23.10 3.90
CA ASN A 96 4.67 -23.49 2.49
C ASN A 96 5.96 -23.47 1.64
N PHE A 97 6.88 -22.57 1.95
CA PHE A 97 8.12 -22.42 1.18
C PHE A 97 9.35 -22.35 2.10
N GLN A 98 10.17 -23.40 2.09
CA GLN A 98 11.33 -23.46 2.98
C GLN A 98 12.56 -22.66 2.49
N ASN A 99 12.89 -22.77 1.21
CA ASN A 99 14.04 -22.04 0.62
C ASN A 99 13.81 -20.53 0.48
N PHE A 100 13.27 -19.93 1.53
CA PHE A 100 12.95 -18.51 1.56
C PHE A 100 13.23 -17.96 2.95
N LYS A 101 14.34 -17.25 3.04
CA LYS A 101 14.66 -16.50 4.24
C LYS A 101 14.09 -15.10 4.06
N PRO A 102 13.43 -14.57 5.12
CA PRO A 102 12.96 -13.19 5.05
C PRO A 102 14.15 -12.23 5.04
N ARG A 103 14.09 -11.25 4.14
CA ARG A 103 15.10 -10.20 4.05
C ARG A 103 14.67 -8.89 4.73
N SER A 104 13.53 -8.93 5.44
CA SER A 104 13.06 -7.81 6.26
C SER A 104 12.39 -8.30 7.56
N ASN A 105 13.08 -8.12 8.69
CA ASN A 105 12.68 -8.75 9.95
C ASN A 105 11.94 -7.83 10.93
N ARG A 106 10.76 -8.28 11.35
CA ARG A 106 9.89 -7.57 12.28
C ARG A 106 10.47 -7.56 13.71
N GLU A 107 9.97 -6.63 14.55
CA GLU A 107 10.34 -6.54 15.96
C GLU A 107 9.38 -5.62 16.70
N GLU A 108 8.75 -6.13 17.77
CA GLU A 108 7.86 -5.34 18.63
C GLU A 108 8.66 -4.41 19.53
N MET A 109 8.09 -3.25 19.86
CA MET A 109 8.71 -2.30 20.78
C MET A 109 7.79 -1.18 21.26
N LYS A 110 8.37 -0.28 22.05
CA LYS A 110 7.69 0.90 22.55
C LYS A 110 8.08 2.07 21.66
N PHE A 111 7.20 3.05 21.57
CA PHE A 111 7.36 4.16 20.67
C PHE A 111 8.73 4.83 20.83
N HIS A 112 9.13 5.10 22.08
CA HIS A 112 10.41 5.73 22.36
C HIS A 112 11.58 4.90 21.80
N GLU A 113 11.44 3.58 21.86
CA GLU A 113 12.45 2.66 21.32
C GLU A 113 12.54 2.74 19.81
N PHE A 114 11.39 2.87 19.16
CA PHE A 114 11.33 3.10 17.72
C PHE A 114 11.98 4.44 17.36
N VAL A 115 11.62 5.50 18.09
CA VAL A 115 12.21 6.83 17.89
C VAL A 115 13.70 6.81 18.22
N GLU A 116 14.08 5.99 19.20
CA GLU A 116 15.48 5.78 19.54
C GLU A 116 16.25 5.33 18.32
N LYS A 117 15.84 4.18 17.76
CA LYS A 117 16.52 3.57 16.61
C LYS A 117 16.45 4.46 15.39
N LEU A 118 15.45 5.34 15.35
CA LEU A 118 15.28 6.30 14.26
C LEU A 118 16.34 7.41 14.30
N GLN A 119 16.38 8.15 15.41
CA GLN A 119 17.36 9.22 15.60
C GLN A 119 18.80 8.71 15.47
N ASP A 120 19.07 7.57 16.11
CA ASP A 120 20.36 6.90 16.02
C ASP A 120 20.79 6.67 14.56
N ILE A 121 20.00 5.89 13.81
CA ILE A 121 20.27 5.60 12.40
C ILE A 121 20.67 6.85 11.62
N GLN A 122 19.86 7.90 11.73
CA GLN A 122 20.14 9.18 11.07
C GLN A 122 21.46 9.79 11.55
N GLN A 123 21.69 9.73 12.86
CA GLN A 123 22.92 10.28 13.46
C GLN A 123 24.16 9.50 13.01
N ARG A 124 23.99 8.20 12.76
CA ARG A 124 25.09 7.37 12.27
C ARG A 124 24.94 7.03 10.77
N GLY A 125 24.31 7.92 10.00
CA GLY A 125 24.14 7.82 8.54
C GLY A 125 23.94 6.45 7.90
N GLY A 126 23.23 5.56 8.58
CA GLY A 126 23.11 4.16 8.16
C GLY A 126 22.17 3.85 7.00
N GLU A 127 22.35 2.68 6.41
CA GLU A 127 21.51 2.23 5.29
C GLU A 127 20.24 1.52 5.78
N GLU A 128 20.23 1.11 7.05
CA GLU A 128 19.06 0.47 7.64
C GLU A 128 17.91 1.46 7.67
N ARG A 129 16.74 0.99 7.26
CA ARG A 129 15.53 1.81 7.31
C ARG A 129 14.50 1.09 8.16
N LEU A 130 13.44 1.79 8.56
CA LEU A 130 12.43 1.22 9.45
C LEU A 130 11.02 1.66 9.07
N TYR A 131 10.06 0.79 9.30
CA TYR A 131 8.66 1.13 9.11
C TYR A 131 7.86 0.79 10.35
N LEU A 132 7.04 1.71 10.81
CA LEU A 132 6.06 1.41 11.86
C LEU A 132 4.68 1.21 11.23
N GLN A 133 4.23 -0.05 11.26
CA GLN A 133 2.92 -0.43 10.76
C GLN A 133 2.11 -0.99 11.91
N GLN A 134 1.20 -0.19 12.47
CA GLN A 134 0.42 -0.66 13.61
C GLN A 134 -1.10 -0.40 13.53
N THR A 135 -1.85 -1.49 13.34
CA THR A 135 -3.32 -1.51 13.38
C THR A 135 -3.79 -0.89 14.69
N LEU A 136 -4.21 0.37 14.63
CA LEU A 136 -4.61 1.14 15.79
C LEU A 136 -5.74 0.47 16.56
N ASN A 137 -5.39 -0.03 17.75
CA ASN A 137 -6.33 -0.76 18.60
C ASN A 137 -6.85 0.12 19.73
N ASP A 138 -6.28 -0.02 20.93
CA ASP A 138 -6.84 0.59 22.12
C ASP A 138 -5.83 1.25 23.06
N THR A 139 -4.63 0.67 23.12
CA THR A 139 -3.58 1.10 24.05
C THR A 139 -3.22 2.60 23.99
N VAL A 140 -3.80 3.31 23.02
CA VAL A 140 -3.36 4.65 22.68
C VAL A 140 -3.81 5.72 23.67
N GLY A 141 -2.96 6.73 23.87
CA GLY A 141 -3.20 7.83 24.82
C GLY A 141 -4.43 8.68 24.54
N ARG A 142 -4.87 9.44 25.56
CA ARG A 142 -6.13 10.19 25.52
C ARG A 142 -6.21 11.20 24.37
N LYS A 143 -5.13 11.94 24.15
CA LYS A 143 -5.09 12.96 23.09
C LYS A 143 -5.23 12.36 21.68
N ILE A 144 -4.53 11.25 21.44
CA ILE A 144 -4.59 10.53 20.16
C ILE A 144 -5.99 9.97 19.90
N VAL A 145 -6.66 9.52 20.95
CA VAL A 145 -8.04 9.07 20.85
C VAL A 145 -8.92 10.26 20.46
N MET A 146 -8.58 11.44 21.00
CA MET A 146 -9.33 12.66 20.69
C MET A 146 -9.08 13.07 19.23
N ASP A 147 -7.81 13.06 18.83
CA ASP A 147 -7.47 13.16 17.41
C ASP A 147 -8.31 12.19 16.55
N PHE A 148 -8.26 10.90 16.87
CA PHE A 148 -9.06 9.91 16.15
C PHE A 148 -10.53 10.29 16.04
N LEU A 149 -11.09 10.72 17.16
CA LEU A 149 -12.51 11.03 17.29
C LEU A 149 -12.88 12.17 16.36
N GLY A 150 -11.92 13.06 16.11
CA GLY A 150 -12.13 14.18 15.25
C GLY A 150 -11.94 13.93 13.76
N PHE A 151 -11.56 12.72 13.35
CA PHE A 151 -11.48 12.42 11.92
C PHE A 151 -12.84 12.66 11.28
N ASN A 152 -12.90 12.87 9.96
CA ASN A 152 -14.20 13.13 9.32
C ASN A 152 -15.07 11.87 9.08
N TRP A 153 -15.50 11.28 10.19
CA TRP A 153 -16.39 10.11 10.11
C TRP A 153 -17.64 10.37 9.28
N ASN A 154 -18.19 11.57 9.34
CA ASN A 154 -19.37 11.82 8.51
C ASN A 154 -19.02 11.47 7.06
N TRP A 155 -17.85 11.90 6.59
CA TRP A 155 -17.55 11.75 5.17
C TRP A 155 -17.30 10.28 4.77
N ILE A 156 -16.47 9.61 5.55
CA ILE A 156 -16.07 8.27 5.21
C ILE A 156 -17.24 7.27 5.30
N ASN A 157 -17.99 7.26 6.42
CA ASN A 157 -19.16 6.36 6.56
C ASN A 157 -20.21 6.56 5.47
N LYS A 158 -20.31 7.77 4.95
CA LYS A 158 -21.28 8.07 3.92
C LYS A 158 -20.76 7.56 2.55
N GLN A 159 -19.46 7.39 2.45
CA GLN A 159 -18.86 6.77 1.28
C GLN A 159 -19.13 5.27 1.33
N GLN A 160 -19.02 4.70 2.53
CA GLN A 160 -19.28 3.28 2.75
C GLN A 160 -20.74 2.93 2.41
N GLY A 161 -21.64 3.87 2.65
CA GLY A 161 -23.04 3.64 2.37
C GLY A 161 -23.33 3.70 0.88
N LYS A 162 -22.84 4.75 0.22
CA LYS A 162 -23.07 4.98 -1.21
C LYS A 162 -22.46 3.88 -2.08
N ARG A 163 -21.30 3.37 -1.68
CA ARG A 163 -20.60 2.36 -2.43
C ARG A 163 -21.17 0.99 -2.09
N GLY A 164 -22.01 0.97 -1.06
CA GLY A 164 -22.60 -0.28 -0.59
C GLY A 164 -21.54 -1.23 -0.07
N TRP A 165 -20.36 -0.69 0.23
CA TRP A 165 -19.27 -1.48 0.83
C TRP A 165 -19.64 -2.11 2.17
N GLY A 166 -18.94 -3.17 2.51
CA GLY A 166 -19.03 -3.76 3.84
C GLY A 166 -18.24 -2.95 4.85
N GLN A 167 -17.81 -3.60 5.93
CA GLN A 167 -17.34 -2.88 7.12
C GLN A 167 -15.87 -2.43 7.10
N LEU A 168 -15.62 -1.32 7.78
CA LEU A 168 -14.26 -0.86 8.06
C LEU A 168 -13.55 -1.98 8.78
N THR A 169 -12.60 -2.63 8.10
CA THR A 169 -11.84 -3.73 8.69
C THR A 169 -10.62 -3.28 9.46
N SER A 170 -9.96 -2.20 9.04
CA SER A 170 -8.75 -1.77 9.76
C SER A 170 -8.31 -0.33 9.57
N ASN A 171 -7.50 0.13 10.51
CA ASN A 171 -6.88 1.43 10.43
C ASN A 171 -5.42 1.28 10.70
N LEU A 172 -4.62 0.96 9.70
CA LEU A 172 -3.20 0.99 9.96
C LEU A 172 -2.69 2.43 10.09
N LEU A 173 -1.60 2.59 10.83
CA LEU A 173 -0.91 3.85 10.93
C LEU A 173 0.48 3.57 10.47
N LEU A 174 1.00 4.43 9.62
CA LEU A 174 2.29 4.16 9.05
C LEU A 174 3.19 5.34 9.27
N ILE A 175 4.37 5.02 9.77
CA ILE A 175 5.42 5.97 9.96
C ILE A 175 6.63 5.25 9.44
N GLY A 176 7.30 5.92 8.51
CA GLY A 176 8.46 5.35 7.85
C GLY A 176 9.51 6.41 7.73
N MET A 177 10.61 6.06 7.07
CA MET A 177 11.75 6.91 6.90
C MET A 177 11.88 7.25 5.40
N GLU A 178 12.45 8.42 5.10
CA GLU A 178 12.65 8.86 3.73
C GLU A 178 13.20 7.73 2.86
N GLY A 179 12.81 7.71 1.58
CA GLY A 179 13.33 6.75 0.64
C GLY A 179 12.76 5.35 0.77
N ASN A 180 11.98 5.10 1.81
CA ASN A 180 11.30 3.80 1.97
C ASN A 180 10.39 3.47 0.79
N VAL A 181 10.57 2.29 0.24
CA VAL A 181 9.71 1.82 -0.79
C VAL A 181 8.91 0.64 -0.27
N THR A 182 7.62 0.66 -0.61
CA THR A 182 6.74 -0.48 -0.48
C THR A 182 6.45 -0.98 -1.89
N PRO A 183 6.98 -2.16 -2.23
CA PRO A 183 6.96 -2.63 -3.60
C PRO A 183 5.55 -3.03 -3.99
N ALA A 184 5.32 -3.07 -5.30
CA ALA A 184 4.02 -3.29 -5.87
C ALA A 184 3.35 -4.55 -5.35
N HIS A 185 2.09 -4.39 -4.95
CA HIS A 185 1.28 -5.48 -4.52
C HIS A 185 -0.14 -5.01 -4.65
N TYR A 186 -1.11 -5.91 -4.64
CA TYR A 186 -2.53 -5.50 -4.61
C TYR A 186 -3.22 -6.01 -3.35
N ASP A 187 -4.37 -5.44 -3.01
CA ASP A 187 -5.14 -5.83 -1.84
C ASP A 187 -6.53 -6.20 -2.31
N GLU A 188 -7.24 -6.99 -1.50
CA GLU A 188 -8.58 -7.43 -1.86
C GLU A 188 -9.64 -6.47 -1.40
N GLN A 189 -9.22 -5.46 -0.62
CA GLN A 189 -10.14 -4.52 0.01
C GLN A 189 -10.07 -3.14 -0.62
N GLN A 190 -11.20 -2.43 -0.65
CA GLN A 190 -11.25 -1.00 -1.02
C GLN A 190 -10.39 -0.19 -0.03
N ASN A 191 -9.60 0.77 -0.50
CA ASN A 191 -8.72 1.51 0.42
C ASN A 191 -8.74 3.05 0.28
N PHE A 192 -8.90 3.74 1.41
CA PHE A 192 -8.65 5.16 1.48
C PHE A 192 -7.34 5.47 2.19
N PHE A 193 -6.43 6.09 1.46
CA PHE A 193 -5.08 6.27 1.90
C PHE A 193 -4.88 7.73 2.27
N ALA A 194 -4.84 8.02 3.57
CA ALA A 194 -4.87 9.38 4.08
C ALA A 194 -3.49 9.89 4.48
N GLN A 195 -2.93 10.80 3.68
CA GLN A 195 -1.60 11.31 3.95
C GLN A 195 -1.60 12.42 5.01
N ILE A 196 -0.54 12.39 5.83
CA ILE A 196 -0.51 13.21 7.03
C ILE A 196 0.76 14.06 7.15
N LYS A 197 1.90 13.40 7.08
CA LYS A 197 3.16 14.11 7.16
C LYS A 197 4.09 13.51 6.12
N GLY A 198 4.87 14.37 5.46
CA GLY A 198 5.75 13.95 4.38
C GLY A 198 5.00 13.72 3.07
N TYR A 199 5.74 13.43 2.02
CA TYR A 199 5.17 13.18 0.70
C TYR A 199 5.42 11.77 0.24
N LYS A 200 4.43 11.17 -0.39
CA LYS A 200 4.57 9.82 -0.93
C LYS A 200 4.19 9.76 -2.41
N ARG A 201 5.04 9.10 -3.21
CA ARG A 201 4.71 8.81 -4.59
C ARG A 201 4.02 7.47 -4.65
N CYS A 202 2.83 7.48 -5.22
CA CYS A 202 2.02 6.30 -5.34
C CYS A 202 1.90 6.00 -6.81
N ILE A 203 2.38 4.83 -7.24
CA ILE A 203 2.18 4.33 -8.62
C ILE A 203 1.17 3.14 -8.64
N LEU A 204 0.11 3.27 -9.41
CA LEU A 204 -0.97 2.31 -9.36
C LEU A 204 -1.15 1.61 -10.72
N PHE A 205 -1.57 0.34 -10.73
CA PHE A 205 -1.79 -0.38 -11.98
C PHE A 205 -3.13 -1.08 -11.94
N PRO A 206 -3.93 -0.97 -13.01
CA PRO A 206 -5.22 -1.62 -12.90
C PRO A 206 -5.08 -3.13 -12.82
N PRO A 207 -6.16 -3.82 -12.39
CA PRO A 207 -6.07 -5.24 -12.28
C PRO A 207 -5.82 -5.93 -13.64
N ASP A 208 -6.14 -5.29 -14.76
CA ASP A 208 -5.94 -5.91 -16.09
C ASP A 208 -4.47 -5.95 -16.52
N GLN A 209 -3.60 -5.67 -15.58
CA GLN A 209 -2.21 -5.73 -15.89
C GLN A 209 -1.59 -6.81 -15.06
N PHE A 210 -2.45 -7.70 -14.58
CA PHE A 210 -1.99 -8.93 -13.96
C PHE A 210 -0.81 -9.57 -14.74
N GLU A 211 -1.00 -9.72 -16.07
CA GLU A 211 -0.02 -10.36 -16.95
C GLU A 211 1.33 -9.69 -17.00
N CYS A 212 1.40 -8.38 -16.74
CA CYS A 212 2.69 -7.71 -16.82
C CYS A 212 3.36 -7.67 -15.47
N LEU A 213 2.60 -8.03 -14.43
CA LEU A 213 3.06 -7.83 -13.06
C LEU A 213 3.58 -9.04 -12.26
N TYR A 214 3.20 -10.22 -12.70
CA TYR A 214 3.72 -11.47 -12.18
C TYR A 214 3.64 -11.62 -10.65
N PRO A 215 2.40 -11.69 -10.14
CA PRO A 215 2.36 -11.96 -8.71
C PRO A 215 2.98 -13.33 -8.38
N TYR A 216 3.75 -13.39 -7.30
CA TYR A 216 4.09 -14.63 -6.59
C TYR A 216 2.92 -15.60 -6.54
N PRO A 217 3.20 -16.91 -6.44
CA PRO A 217 2.18 -17.90 -6.18
C PRO A 217 1.38 -17.56 -4.94
N VAL A 218 0.08 -17.82 -5.01
CA VAL A 218 -0.86 -17.61 -3.93
C VAL A 218 -0.42 -18.25 -2.61
N HIS A 219 0.15 -19.47 -2.66
CA HIS A 219 0.66 -20.07 -1.42
C HIS A 219 2.02 -19.50 -0.98
N HIS A 220 2.65 -18.67 -1.81
CA HIS A 220 3.92 -18.09 -1.40
C HIS A 220 3.72 -17.01 -0.33
N PRO A 221 4.66 -16.90 0.63
CA PRO A 221 4.50 -15.84 1.64
C PRO A 221 4.48 -14.42 1.05
N CYS A 222 4.93 -14.23 -0.20
CA CYS A 222 4.79 -12.92 -0.84
C CYS A 222 3.56 -12.85 -1.74
N ASP A 223 2.65 -13.79 -1.57
CA ASP A 223 1.35 -13.76 -2.23
C ASP A 223 0.90 -12.32 -2.41
N ARG A 224 0.57 -11.92 -3.65
CA ARG A 224 -0.02 -10.59 -3.92
C ARG A 224 1.03 -9.51 -4.21
N GLN A 225 2.32 -9.84 -4.10
CA GLN A 225 3.36 -8.93 -4.55
C GLN A 225 3.85 -9.26 -5.97
N SER A 226 4.30 -8.24 -6.69
CA SER A 226 4.92 -8.41 -7.97
C SER A 226 6.24 -9.11 -7.72
N GLN A 227 6.60 -10.02 -8.64
CA GLN A 227 7.90 -10.67 -8.55
C GLN A 227 9.00 -9.79 -9.16
N VAL A 228 8.57 -8.74 -9.86
CA VAL A 228 9.46 -7.97 -10.66
C VAL A 228 10.15 -6.97 -9.79
N ASP A 229 11.47 -7.00 -9.77
CA ASP A 229 12.25 -5.94 -9.14
C ASP A 229 12.29 -4.68 -10.00
N PHE A 230 11.47 -3.69 -9.66
CA PHE A 230 11.33 -2.45 -10.47
C PHE A 230 12.66 -1.74 -10.74
N ASP A 231 13.61 -1.85 -9.82
CA ASP A 231 14.94 -1.23 -9.99
C ASP A 231 15.85 -1.98 -10.96
N ASN A 232 15.57 -3.28 -11.19
CA ASN A 232 16.32 -4.12 -12.15
C ASN A 232 15.44 -5.22 -12.75
N PRO A 233 14.52 -4.82 -13.64
CA PRO A 233 13.50 -5.75 -14.14
C PRO A 233 14.11 -6.85 -15.01
N ASP A 234 13.69 -8.10 -14.79
CA ASP A 234 14.24 -9.23 -15.53
C ASP A 234 13.32 -9.55 -16.71
N TYR A 235 13.63 -8.95 -17.86
CA TYR A 235 12.76 -9.07 -19.03
C TYR A 235 12.77 -10.48 -19.66
N GLU A 236 13.77 -11.29 -19.30
CA GLU A 236 13.77 -12.69 -19.72
C GLU A 236 12.69 -13.47 -18.95
N ARG A 237 12.68 -13.35 -17.61
CA ARG A 237 11.64 -14.01 -16.80
C ARG A 237 10.29 -13.34 -16.90
N PHE A 238 10.26 -12.02 -17.13
CA PHE A 238 9.02 -11.24 -17.03
C PHE A 238 8.84 -10.37 -18.25
N PRO A 239 8.70 -11.02 -19.41
CA PRO A 239 8.72 -10.20 -20.63
C PRO A 239 7.63 -9.11 -20.63
N ASN A 240 6.42 -9.42 -20.14
CA ASN A 240 5.33 -8.46 -20.27
C ASN A 240 5.45 -7.25 -19.32
N PHE A 241 6.47 -7.23 -18.47
CA PHE A 241 6.74 -6.00 -17.74
C PHE A 241 7.01 -4.85 -18.70
N GLN A 242 7.67 -5.16 -19.81
CA GLN A 242 7.86 -4.20 -20.89
C GLN A 242 6.58 -3.55 -21.40
N ASN A 243 5.42 -4.07 -21.01
CA ASN A 243 4.19 -3.49 -21.49
C ASN A 243 3.46 -2.70 -20.41
N VAL A 244 4.07 -2.59 -19.23
CA VAL A 244 3.34 -2.06 -18.10
C VAL A 244 3.12 -0.54 -18.18
N VAL A 245 1.89 -0.12 -17.92
CA VAL A 245 1.58 1.30 -17.84
C VAL A 245 0.86 1.65 -16.52
N GLY A 246 1.47 2.51 -15.73
CA GLY A 246 0.90 2.95 -14.44
C GLY A 246 0.17 4.28 -14.40
N TYR A 247 -0.54 4.49 -13.29
CA TYR A 247 -1.14 5.77 -12.99
C TYR A 247 -0.44 6.24 -11.76
N GLU A 248 0.02 7.47 -11.80
CA GLU A 248 0.94 7.97 -10.79
C GLU A 248 0.42 9.23 -10.10
N THR A 249 0.86 9.42 -8.86
CA THR A 249 0.64 10.68 -8.16
C THR A 249 1.55 10.89 -6.97
N VAL A 250 1.57 12.13 -6.48
CA VAL A 250 2.32 12.43 -5.26
C VAL A 250 1.32 12.97 -4.25
N VAL A 251 1.20 12.28 -3.13
CA VAL A 251 0.26 12.73 -2.07
C VAL A 251 1.03 13.39 -0.95
N GLY A 252 0.44 14.46 -0.42
CA GLY A 252 0.97 15.15 0.74
C GLY A 252 -0.07 15.43 1.79
N PRO A 253 0.34 16.08 2.91
CA PRO A 253 -0.48 16.30 4.14
C PRO A 253 -1.81 16.82 3.70
N GLY A 254 -2.89 16.10 4.04
CA GLY A 254 -4.26 16.47 3.64
C GLY A 254 -4.87 15.68 2.47
N ASP A 255 -4.04 15.02 1.67
CA ASP A 255 -4.59 14.25 0.54
C ASP A 255 -5.01 12.84 0.92
N VAL A 256 -6.15 12.42 0.39
CA VAL A 256 -6.65 11.06 0.48
C VAL A 256 -6.66 10.46 -0.94
N LEU A 257 -5.95 9.35 -1.12
CA LEU A 257 -5.94 8.58 -2.36
C LEU A 257 -6.93 7.41 -2.23
N TYR A 258 -7.91 7.34 -3.11
CA TYR A 258 -8.67 6.13 -3.25
C TYR A 258 -7.86 5.11 -4.08
N ILE A 259 -7.45 4.02 -3.43
CA ILE A 259 -6.84 2.85 -4.08
C ILE A 259 -7.92 1.78 -4.18
N PRO A 260 -8.52 1.62 -5.38
CA PRO A 260 -9.63 0.64 -5.53
C PRO A 260 -9.17 -0.79 -5.31
N MET A 261 -10.11 -1.62 -4.87
CA MET A 261 -9.94 -3.06 -4.69
C MET A 261 -9.21 -3.65 -5.90
N TYR A 262 -8.16 -4.43 -5.65
CA TYR A 262 -7.41 -5.19 -6.68
C TYR A 262 -6.42 -4.40 -7.52
N TRP A 263 -6.39 -3.08 -7.40
CA TRP A 263 -5.37 -2.27 -8.08
C TRP A 263 -4.04 -2.46 -7.43
N TRP A 264 -3.00 -2.58 -8.24
CA TRP A 264 -1.63 -2.67 -7.73
C TRP A 264 -1.23 -1.30 -7.21
N HIS A 265 -0.41 -1.25 -6.18
CA HIS A 265 0.14 0.00 -5.73
C HIS A 265 1.54 -0.23 -5.31
N HIS A 266 2.38 0.73 -5.64
CA HIS A 266 3.77 0.69 -5.34
C HIS A 266 3.94 2.07 -4.73
N ILE A 267 4.56 2.11 -3.56
CA ILE A 267 4.56 3.32 -2.76
C ILE A 267 5.92 3.62 -2.23
N GLU A 268 6.33 4.86 -2.40
CA GLU A 268 7.68 5.27 -1.99
C GLU A 268 7.67 6.63 -1.31
N SER A 269 8.39 6.72 -0.22
CA SER A 269 8.51 7.94 0.51
C SER A 269 9.61 8.77 -0.15
N LEU A 270 9.37 10.05 -0.40
CA LEU A 270 10.37 10.83 -1.10
C LEU A 270 11.75 10.81 -0.45
N LEU A 271 12.75 10.61 -1.29
CA LEU A 271 14.17 10.70 -0.95
C LEU A 271 14.52 12.09 -0.38
N ASN A 272 15.39 12.11 0.63
CA ASN A 272 15.79 13.36 1.32
C ASN A 272 14.63 14.19 1.88
N GLY A 273 13.43 13.60 1.90
CA GLY A 273 12.18 14.32 2.26
C GLY A 273 11.66 14.14 3.68
N GLY A 274 12.43 13.44 4.52
CA GLY A 274 12.07 13.24 5.92
C GLY A 274 11.11 12.08 6.15
N ILE A 275 10.72 11.88 7.40
CA ILE A 275 9.76 10.84 7.75
C ILE A 275 8.36 11.06 7.14
N THR A 276 7.55 10.01 7.10
CA THR A 276 6.23 10.05 6.50
C THR A 276 5.19 9.54 7.45
N ILE A 277 3.98 10.03 7.35
CA ILE A 277 2.92 9.47 8.13
C ILE A 277 1.70 9.36 7.27
N THR A 278 1.09 8.19 7.38
CA THR A 278 -0.09 7.89 6.64
C THR A 278 -0.98 7.17 7.61
N VAL A 279 -2.29 7.24 7.39
CA VAL A 279 -3.21 6.36 8.07
C VAL A 279 -4.07 5.79 6.96
N ASN A 280 -4.19 4.46 6.85
CA ASN A 280 -5.21 3.99 5.91
C ASN A 280 -6.32 3.22 6.49
N PHE A 281 -7.43 3.28 5.76
CA PHE A 281 -8.72 2.78 6.10
C PHE A 281 -9.09 1.74 5.04
N TRP A 282 -9.40 0.51 5.45
CA TRP A 282 -9.77 -0.55 4.50
C TRP A 282 -11.20 -1.03 4.69
N TYR A 283 -11.92 -1.20 3.59
CA TYR A 283 -13.29 -1.62 3.65
C TYR A 283 -13.44 -2.85 2.78
N LYS A 284 -14.16 -3.87 3.27
CA LYS A 284 -14.54 -4.99 2.43
C LYS A 284 -15.36 -4.43 1.31
N GLY A 285 -15.08 -4.85 0.09
CA GLY A 285 -15.86 -4.41 -1.07
C GLY A 285 -17.33 -4.77 -1.01
N ALA A 286 -18.11 -4.15 -1.90
CA ALA A 286 -19.50 -4.55 -2.07
C ALA A 286 -19.56 -6.05 -2.42
N PRO A 287 -20.64 -6.72 -1.98
CA PRO A 287 -20.78 -8.15 -2.31
C PRO A 287 -21.24 -8.36 -3.76
N THR A 288 -21.09 -9.60 -4.25
CA THR A 288 -21.29 -9.93 -5.68
C THR A 288 -22.78 -9.95 -6.14
N PRO A 289 -23.11 -9.25 -7.25
CA PRO A 289 -24.49 -9.25 -7.76
C PRO A 289 -24.86 -10.57 -8.44
N GLU A 293 -23.20 -11.66 -14.26
CA GLU A 293 -23.15 -10.70 -15.37
C GLU A 293 -21.83 -10.76 -16.17
N TYR A 294 -21.94 -10.87 -17.49
CA TYR A 294 -20.79 -10.85 -18.43
C TYR A 294 -20.94 -9.67 -19.39
N PRO A 295 -19.82 -9.08 -19.86
CA PRO A 295 -18.42 -9.51 -19.79
C PRO A 295 -17.90 -9.45 -18.36
N LEU A 296 -16.96 -10.33 -18.02
CA LEU A 296 -16.43 -10.41 -16.66
C LEU A 296 -15.37 -9.33 -16.47
N LYS A 297 -15.25 -8.77 -15.26
CA LYS A 297 -14.24 -7.73 -15.02
C LYS A 297 -12.89 -8.31 -14.61
N ALA A 298 -11.82 -7.63 -15.01
CA ALA A 298 -10.47 -8.10 -14.72
C ALA A 298 -10.30 -8.63 -13.30
N HIS A 299 -10.92 -7.97 -12.32
CA HIS A 299 -10.67 -8.28 -10.93
C HIS A 299 -11.35 -9.56 -10.57
N GLN A 300 -12.45 -9.86 -11.23
CA GLN A 300 -13.14 -11.10 -10.97
C GLN A 300 -12.33 -12.27 -11.49
N LYS A 301 -11.78 -12.11 -12.70
CA LYS A 301 -10.80 -13.04 -13.25
C LYS A 301 -9.62 -13.27 -12.31
N VAL A 302 -9.17 -12.22 -11.63
CA VAL A 302 -8.09 -12.38 -10.67
C VAL A 302 -8.57 -13.18 -9.46
N ALA A 303 -9.83 -12.98 -9.10
CA ALA A 303 -10.46 -13.74 -8.01
C ALA A 303 -10.46 -15.23 -8.34
N ILE A 304 -10.81 -15.52 -9.59
CA ILE A 304 -10.83 -16.87 -10.14
C ILE A 304 -9.45 -17.56 -10.12
N MET A 305 -8.39 -16.85 -10.53
CA MET A 305 -7.07 -17.47 -10.60
C MET A 305 -6.64 -17.83 -9.19
N ARG A 306 -6.91 -16.92 -8.26
CA ARG A 306 -6.63 -17.15 -6.83
C ARG A 306 -7.35 -18.40 -6.35
N ASN A 307 -8.61 -18.54 -6.74
CA ASN A 307 -9.41 -19.63 -6.25
C ASN A 307 -8.95 -20.98 -6.77
N ILE A 308 -8.66 -21.06 -8.07
CA ILE A 308 -8.12 -22.29 -8.62
C ILE A 308 -6.86 -22.64 -7.84
N GLU A 309 -5.97 -21.67 -7.65
CA GLU A 309 -4.72 -21.93 -6.94
C GLU A 309 -4.94 -22.44 -5.53
N LYS A 310 -5.91 -21.86 -4.81
CA LYS A 310 -6.21 -22.32 -3.45
C LYS A 310 -6.79 -23.73 -3.47
N MET A 311 -7.76 -23.94 -4.36
CA MET A 311 -8.36 -25.26 -4.52
C MET A 311 -7.31 -26.35 -4.79
N LEU A 312 -6.56 -26.22 -5.87
CA LEU A 312 -5.45 -27.16 -6.17
C LEU A 312 -4.54 -27.51 -4.99
N GLY A 313 -4.19 -26.52 -4.19
CA GLY A 313 -3.30 -26.76 -3.05
C GLY A 313 -3.96 -27.63 -2.01
N GLU A 314 -5.29 -27.58 -1.98
CA GLU A 314 -6.11 -28.34 -1.04
C GLU A 314 -6.29 -29.74 -1.55
N ALA A 315 -6.78 -29.85 -2.78
CA ALA A 315 -7.04 -31.14 -3.40
C ALA A 315 -5.80 -32.05 -3.39
N LEU A 316 -4.62 -31.46 -3.63
CA LEU A 316 -3.37 -32.20 -3.75
C LEU A 316 -2.66 -32.38 -2.40
N GLY A 317 -3.18 -31.76 -1.35
CA GLY A 317 -2.53 -31.85 -0.05
C GLY A 317 -1.17 -31.19 0.03
N ASN A 318 -0.74 -30.49 -1.03
CA ASN A 318 0.59 -29.89 -1.06
C ASN A 318 0.76 -28.71 -2.06
N PRO A 319 0.96 -27.48 -1.53
CA PRO A 319 1.18 -26.31 -2.39
C PRO A 319 2.35 -26.44 -3.38
N GLN A 320 3.34 -27.25 -3.06
CA GLN A 320 4.48 -27.40 -3.97
C GLN A 320 4.08 -28.07 -5.28
N GLU A 321 2.93 -28.75 -5.29
CA GLU A 321 2.49 -29.51 -6.44
C GLU A 321 1.57 -28.76 -7.39
N VAL A 322 1.05 -27.61 -6.95
CA VAL A 322 0.24 -26.70 -7.79
C VAL A 322 0.90 -26.39 -9.13
N GLY A 323 2.13 -25.89 -9.10
CA GLY A 323 2.88 -25.60 -10.32
C GLY A 323 3.05 -26.76 -11.31
N PRO A 324 3.63 -27.90 -10.86
CA PRO A 324 3.64 -29.04 -11.85
C PRO A 324 2.25 -29.49 -12.34
N LEU A 325 1.22 -29.42 -11.51
CA LEU A 325 -0.09 -29.84 -12.05
C LEU A 325 -0.58 -28.90 -13.15
N LEU A 326 -0.41 -27.58 -12.94
CA LEU A 326 -0.77 -26.53 -13.92
C LEU A 326 -0.02 -26.69 -15.26
N ASN A 327 1.28 -26.96 -15.20
CA ASN A 327 2.05 -27.25 -16.40
C ASN A 327 1.61 -28.51 -17.16
N THR A 328 1.42 -29.60 -16.43
CA THR A 328 0.85 -30.82 -16.98
C THR A 328 -0.48 -30.49 -17.69
N MET A 329 -1.30 -29.67 -17.04
CA MET A 329 -2.59 -29.28 -17.61
C MET A 329 -2.50 -28.43 -18.92
N ILE A 330 -1.49 -27.54 -19.06
CA ILE A 330 -1.42 -26.71 -20.29
C ILE A 330 -0.46 -27.17 -21.39
N LYS A 331 0.66 -27.81 -21.01
CA LYS A 331 1.70 -28.12 -21.99
C LYS A 331 1.21 -28.97 -23.17
N GLY A 332 1.25 -28.38 -24.36
CA GLY A 332 0.80 -29.03 -25.57
C GLY A 332 -0.70 -29.16 -25.61
N ARG A 333 -1.39 -28.47 -24.71
CA ARG A 333 -2.84 -28.53 -24.63
C ARG A 333 -3.49 -27.16 -24.79
N TYR A 334 -2.97 -26.16 -24.09
CA TYR A 334 -3.60 -24.84 -24.09
C TYR A 334 -2.61 -23.74 -24.47
N ASN A 335 -1.34 -24.11 -24.54
CA ASN A 335 -0.29 -23.12 -24.76
C ASN A 335 0.36 -23.20 -26.16
#